data_5CRL
#
_entry.id   5CRL
#
_cell.length_a   75.011
_cell.length_b   75.011
_cell.length_c   97.761
_cell.angle_alpha   90.00
_cell.angle_beta   90.00
_cell.angle_gamma   120.00
#
_symmetry.space_group_name_H-M   'P 31 2 1'
#
loop_
_entity.id
_entity.type
_entity.pdbx_description
1 polymer 'Mercuric resistance operon regulatory protein'
2 non-polymer 'MERCURY (II) ION'
3 water water
#
_entity_poly.entity_id   1
_entity_poly.type   'polypeptide(L)'
_entity_poly.pdbx_seq_one_letter_code
;MENNLENLTIGVFAKAAGVNVETIRFYQRKGLLLEPDKPYGSIRRYGEADVTRVRFVKSAQRLGFSLDEIAELLRLEDGT
HCEEASSLAEHKLKDVREKMADLARMEAVLSELVCACHARRGNVSCPLIASLQG
;
_entity_poly.pdbx_strand_id   A,B
#
loop_
_chem_comp.id
_chem_comp.type
_chem_comp.name
_chem_comp.formula
HG non-polymer 'MERCURY (II) ION' 'Hg 2'
#
# COMPACT_ATOMS: atom_id res chain seq x y z
N GLU A 6 27.01 19.63 -20.19
CA GLU A 6 27.70 20.70 -19.40
C GLU A 6 27.25 20.61 -17.94
N ASN A 7 27.55 21.64 -17.15
CA ASN A 7 27.04 21.76 -15.78
C ASN A 7 25.94 22.79 -15.66
N LEU A 8 25.08 22.58 -14.66
CA LEU A 8 23.69 23.03 -14.69
C LEU A 8 23.22 23.64 -13.37
N THR A 9 22.27 24.56 -13.46
CA THR A 9 21.72 25.20 -12.28
C THR A 9 20.53 24.38 -11.78
N ILE A 10 20.16 24.64 -10.54
CA ILE A 10 19.08 23.92 -9.85
C ILE A 10 17.82 23.80 -10.69
N GLY A 11 17.45 24.88 -11.37
CA GLY A 11 16.27 24.90 -12.22
C GLY A 11 16.40 24.10 -13.50
N VAL A 12 17.58 24.13 -14.12
CA VAL A 12 17.81 23.41 -15.37
C VAL A 12 17.98 21.91 -15.09
N PHE A 13 18.67 21.61 -14.00
CA PHE A 13 18.78 20.25 -13.49
C PHE A 13 17.40 19.60 -13.45
N ALA A 14 16.48 20.26 -12.77
CA ALA A 14 15.13 19.75 -12.61
C ALA A 14 14.46 19.56 -13.96
N LYS A 15 14.64 20.52 -14.86
CA LYS A 15 14.07 20.44 -16.21
C LYS A 15 14.63 19.22 -16.93
N ALA A 16 15.95 19.09 -16.92
CA ALA A 16 16.61 17.94 -17.51
C ALA A 16 16.16 16.62 -16.88
N ALA A 17 15.91 16.62 -15.58
CA ALA A 17 15.48 15.40 -14.86
C ALA A 17 13.96 15.20 -14.86
N GLY A 18 13.22 16.17 -15.41
CA GLY A 18 11.78 16.08 -15.52
C GLY A 18 11.11 15.94 -14.17
N VAL A 19 11.53 16.75 -13.21
CA VAL A 19 10.96 16.70 -11.87
C VAL A 19 10.94 18.09 -11.22
N ASN A 20 10.08 18.28 -10.22
CA ASN A 20 10.02 19.54 -9.46
C ASN A 20 11.31 19.86 -8.75
N VAL A 21 11.54 21.15 -8.51
CA VAL A 21 12.68 21.56 -7.69
C VAL A 21 12.49 21.02 -6.27
N GLU A 22 11.24 21.07 -5.76
CA GLU A 22 10.92 20.55 -4.45
C GLU A 22 11.33 19.09 -4.32
N THR A 23 11.26 18.34 -5.42
CA THR A 23 11.66 16.93 -5.43
C THR A 23 13.18 16.72 -5.41
N ILE A 24 13.92 17.61 -6.08
CA ILE A 24 15.38 17.59 -5.99
C ILE A 24 15.78 17.80 -4.54
N ARG A 25 15.19 18.81 -3.92
CA ARG A 25 15.50 19.15 -2.53
C ARG A 25 15.12 18.01 -1.61
N PHE A 26 13.93 17.47 -1.83
CA PHE A 26 13.47 16.29 -1.10
C PHE A 26 14.52 15.18 -1.18
N TYR A 27 15.00 14.93 -2.39
CA TYR A 27 15.98 13.86 -2.60
C TYR A 27 17.33 14.16 -1.93
N GLN A 28 17.69 15.44 -1.84
CA GLN A 28 18.96 15.85 -1.21
C GLN A 28 18.90 15.64 0.31
N ARG A 29 17.82 16.10 0.93
CA ARG A 29 17.62 15.93 2.38
C ARG A 29 17.60 14.47 2.81
N LYS A 30 17.07 13.58 1.96
CA LYS A 30 17.08 12.14 2.26
C LYS A 30 18.39 11.49 1.82
N GLY A 31 19.25 12.27 1.17
CA GLY A 31 20.61 11.86 0.89
C GLY A 31 20.75 10.86 -0.23
N LEU A 32 19.81 10.87 -1.17
CA LEU A 32 19.88 9.97 -2.31
C LEU A 32 20.58 10.61 -3.51
N LEU A 33 21.41 11.63 -3.26
CA LEU A 33 22.04 12.39 -4.34
C LEU A 33 23.58 12.34 -4.24
N LEU A 34 24.27 13.25 -4.93
CA LEU A 34 25.74 13.22 -5.12
C LEU A 34 26.12 12.02 -5.95
N ARG A 44 26.07 23.57 -4.62
CA ARG A 44 26.43 24.19 -5.89
C ARG A 44 25.85 23.38 -7.09
N ARG A 45 26.64 23.16 -8.16
CA ARG A 45 26.11 22.77 -9.47
C ARG A 45 25.92 21.24 -9.65
N TYR A 46 25.41 20.86 -10.83
CA TYR A 46 24.97 19.49 -11.11
C TYR A 46 25.22 19.11 -12.58
N GLY A 47 25.43 17.81 -12.82
CA GLY A 47 25.70 17.30 -14.18
C GLY A 47 24.83 16.13 -14.59
N GLU A 48 25.27 15.38 -15.61
CA GLU A 48 24.47 14.28 -16.18
C GLU A 48 24.36 13.06 -15.24
N ALA A 49 25.39 12.77 -14.46
CA ALA A 49 25.29 11.68 -13.48
C ALA A 49 24.18 12.00 -12.49
N ASP A 50 24.14 13.25 -12.03
CA ASP A 50 23.08 13.72 -11.14
C ASP A 50 21.70 13.53 -11.78
N VAL A 51 21.59 13.86 -13.06
CA VAL A 51 20.33 13.71 -13.78
C VAL A 51 19.94 12.25 -13.78
N THR A 52 20.88 11.40 -14.19
CA THR A 52 20.64 9.97 -14.26
C THR A 52 20.27 9.42 -12.89
N ARG A 53 20.95 9.90 -11.86
CA ARG A 53 20.67 9.49 -10.47
C ARG A 53 19.23 9.83 -10.05
N VAL A 54 18.75 11.02 -10.43
CA VAL A 54 17.39 11.43 -10.09
C VAL A 54 16.36 10.57 -10.81
N ARG A 55 16.60 10.30 -12.08
CA ARG A 55 15.72 9.41 -12.83
C ARG A 55 15.75 7.96 -12.28
N PHE A 56 16.91 7.57 -11.76
CA PHE A 56 17.04 6.29 -11.07
C PHE A 56 16.04 6.26 -9.93
N VAL A 57 16.11 7.27 -9.07
CA VAL A 57 15.25 7.31 -7.90
C VAL A 57 13.75 7.35 -8.30
N LYS A 58 13.41 8.29 -9.15
CA LYS A 58 12.03 8.45 -9.60
C LYS A 58 11.47 7.12 -10.17
N SER A 59 12.25 6.45 -11.01
CA SER A 59 11.82 5.17 -11.61
C SER A 59 11.57 4.09 -10.54
N ALA A 60 12.56 3.90 -9.67
CA ALA A 60 12.46 2.93 -8.58
C ALA A 60 11.25 3.21 -7.69
N GLN A 61 11.09 4.49 -7.36
CA GLN A 61 9.99 4.97 -6.53
C GLN A 61 8.66 4.57 -7.17
N ARG A 62 8.63 4.66 -8.49
CA ARG A 62 7.44 4.34 -9.27
C ARG A 62 7.19 2.83 -9.33
N LEU A 63 8.22 2.01 -9.16
CA LEU A 63 8.06 0.56 -9.05
C LEU A 63 7.72 0.12 -7.63
N GLY A 64 7.62 1.07 -6.72
CA GLY A 64 7.13 0.77 -5.38
C GLY A 64 8.21 0.56 -4.35
N PHE A 65 9.48 0.77 -4.73
CA PHE A 65 10.56 0.68 -3.76
C PHE A 65 10.47 1.85 -2.75
N SER A 66 10.63 1.53 -1.47
CA SER A 66 10.72 2.55 -0.44
C SER A 66 12.00 3.37 -0.55
N LEU A 67 12.09 4.47 0.19
CA LEU A 67 13.29 5.30 0.16
C LEU A 67 14.52 4.50 0.59
N ASP A 68 14.34 3.69 1.62
CA ASP A 68 15.41 2.84 2.11
C ASP A 68 15.83 1.82 1.06
N GLU A 69 14.86 1.07 0.54
CA GLU A 69 15.13 0.09 -0.52
C GLU A 69 15.88 0.72 -1.69
N ILE A 70 15.57 1.97 -2.02
CA ILE A 70 16.25 2.68 -3.10
C ILE A 70 17.70 2.98 -2.76
N ALA A 71 17.98 3.30 -1.50
CA ALA A 71 19.38 3.52 -1.07
C ALA A 71 20.21 2.26 -1.29
N GLU A 72 19.69 1.12 -0.84
CA GLU A 72 20.32 -0.19 -1.09
C GLU A 72 20.53 -0.43 -2.57
N LEU A 73 19.51 -0.11 -3.34
CA LEU A 73 19.53 -0.33 -4.77
C LEU A 73 20.63 0.53 -5.41
N LEU A 74 20.79 1.75 -4.90
CA LEU A 74 21.84 2.66 -5.38
C LEU A 74 23.26 2.22 -5.01
N ARG A 75 23.36 1.47 -3.92
CA ARG A 75 24.63 0.86 -3.53
C ARG A 75 25.15 0.01 -4.70
N LEU A 76 24.22 -0.52 -5.51
CA LEU A 76 24.55 -1.40 -6.64
C LEU A 76 24.51 -0.69 -7.99
N GLU A 77 24.64 0.63 -7.98
CA GLU A 77 24.49 1.46 -9.19
C GLU A 77 25.50 1.20 -10.33
N ASP A 78 26.68 0.69 -10.02
CA ASP A 78 27.70 0.44 -11.07
C ASP A 78 27.41 -0.81 -11.94
N GLY A 79 26.37 -1.56 -11.59
CA GLY A 79 25.82 -2.56 -12.50
C GLY A 79 26.64 -3.83 -12.62
N THR A 80 27.28 -4.21 -11.53
CA THR A 80 28.10 -5.41 -11.51
C THR A 80 27.71 -6.28 -10.33
N HIS A 81 26.46 -6.13 -9.84
CA HIS A 81 25.94 -6.94 -8.74
C HIS A 81 24.51 -7.41 -9.06
N CYS A 82 24.38 -8.16 -10.15
CA CYS A 82 23.09 -8.63 -10.63
C CYS A 82 22.34 -9.52 -9.63
N GLU A 83 23.05 -10.45 -8.99
CA GLU A 83 22.43 -11.34 -8.01
C GLU A 83 21.71 -10.52 -6.95
N GLU A 84 22.43 -9.55 -6.37
CA GLU A 84 21.88 -8.67 -5.33
C GLU A 84 20.76 -7.76 -5.81
N ALA A 85 20.80 -7.35 -7.06
CA ALA A 85 19.77 -6.48 -7.60
C ALA A 85 18.45 -7.24 -7.72
N SER A 86 18.51 -8.37 -8.42
CA SER A 86 17.33 -9.23 -8.58
C SER A 86 16.66 -9.45 -7.23
N SER A 87 17.45 -9.74 -6.21
CA SER A 87 16.91 -10.04 -4.89
C SER A 87 15.99 -8.96 -4.36
N LEU A 88 16.42 -7.71 -4.49
CA LEU A 88 15.58 -6.58 -4.07
C LEU A 88 14.29 -6.53 -4.87
N ALA A 89 14.40 -6.73 -6.17
CA ALA A 89 13.22 -6.78 -7.02
C ALA A 89 12.33 -7.99 -6.68
N GLU A 90 12.93 -9.16 -6.50
CA GLU A 90 12.15 -10.37 -6.21
C GLU A 90 11.45 -10.26 -4.86
N HIS A 91 12.11 -9.67 -3.89
CA HIS A 91 11.49 -9.42 -2.59
C HIS A 91 10.32 -8.43 -2.75
N LYS A 92 10.56 -7.30 -3.40
CA LYS A 92 9.50 -6.34 -3.69
C LYS A 92 8.31 -7.00 -4.41
N LEU A 93 8.61 -7.91 -5.33
CA LEU A 93 7.60 -8.56 -6.14
C LEU A 93 6.74 -9.47 -5.29
N LYS A 94 7.39 -10.18 -4.38
CA LYS A 94 6.70 -11.03 -3.44
C LYS A 94 5.71 -10.17 -2.67
N ASP A 95 6.18 -9.03 -2.15
CA ASP A 95 5.36 -8.14 -1.32
C ASP A 95 4.19 -7.57 -2.12
N VAL A 96 4.45 -7.21 -3.36
CA VAL A 96 3.40 -6.72 -4.22
C VAL A 96 2.31 -7.78 -4.36
N ARG A 97 2.72 -9.02 -4.63
CA ARG A 97 1.77 -10.13 -4.86
C ARG A 97 0.92 -10.47 -3.64
N GLU A 98 1.53 -10.42 -2.46
CA GLU A 98 0.78 -10.59 -1.23
C GLU A 98 -0.29 -9.52 -1.14
N LYS A 99 0.14 -8.27 -1.27
CA LYS A 99 -0.78 -7.13 -1.21
C LYS A 99 -1.92 -7.28 -2.21
N MET A 100 -1.62 -7.70 -3.43
CA MET A 100 -2.66 -7.94 -4.44
C MET A 100 -3.61 -9.06 -4.02
N ALA A 101 -3.07 -10.11 -3.42
CA ALA A 101 -3.87 -11.22 -2.95
C ALA A 101 -4.80 -10.78 -1.82
N ASP A 102 -4.30 -9.91 -0.94
CA ASP A 102 -5.17 -9.36 0.10
C ASP A 102 -6.25 -8.48 -0.52
N LEU A 103 -5.87 -7.47 -1.29
CA LEU A 103 -6.86 -6.59 -1.95
C LEU A 103 -7.90 -7.38 -2.75
N ALA A 104 -7.47 -8.48 -3.35
CA ALA A 104 -8.36 -9.33 -4.14
C ALA A 104 -9.42 -9.94 -3.25
N ARG A 105 -9.00 -10.32 -2.05
CA ARG A 105 -9.90 -10.96 -1.11
C ARG A 105 -10.93 -9.91 -0.66
N MET A 106 -10.51 -8.66 -0.45
CA MET A 106 -11.45 -7.56 -0.17
C MET A 106 -12.41 -7.29 -1.32
N GLU A 107 -11.88 -7.22 -2.53
CA GLU A 107 -12.69 -6.94 -3.72
C GLU A 107 -13.81 -7.98 -3.90
N ALA A 108 -13.47 -9.24 -3.66
CA ALA A 108 -14.42 -10.32 -3.85
C ALA A 108 -15.60 -10.19 -2.90
N VAL A 109 -15.31 -9.99 -1.62
CA VAL A 109 -16.34 -9.92 -0.58
C VAL A 109 -17.16 -8.63 -0.70
N LEU A 110 -16.47 -7.51 -0.89
CA LEU A 110 -17.13 -6.24 -1.11
C LEU A 110 -18.08 -6.33 -2.32
N SER A 111 -17.63 -6.88 -3.45
CA SER A 111 -18.52 -7.09 -4.61
C SER A 111 -19.76 -7.88 -4.20
N GLU A 112 -19.54 -8.92 -3.42
CA GLU A 112 -20.60 -9.84 -2.99
C GLU A 112 -21.59 -9.12 -2.10
N LEU A 113 -21.09 -8.26 -1.21
CA LEU A 113 -21.96 -7.49 -0.33
C LEU A 113 -22.82 -6.50 -1.13
N VAL A 114 -22.18 -5.75 -2.01
CA VAL A 114 -22.89 -4.78 -2.85
C VAL A 114 -23.99 -5.48 -3.66
N CYS A 115 -23.63 -6.55 -4.35
CA CYS A 115 -24.60 -7.37 -5.09
C CYS A 115 -25.84 -7.63 -4.23
N ALA A 116 -25.63 -8.05 -2.99
CA ALA A 116 -26.73 -8.34 -2.08
C ALA A 116 -27.43 -7.08 -1.59
N CYS A 117 -26.70 -5.98 -1.48
CA CYS A 117 -27.32 -4.69 -1.12
C CYS A 117 -28.37 -4.31 -2.18
N HIS A 118 -27.94 -4.25 -3.45
CA HIS A 118 -28.82 -3.86 -4.55
C HIS A 118 -30.00 -4.82 -4.74
N ALA A 119 -29.80 -6.09 -4.39
CA ALA A 119 -30.82 -7.10 -4.60
C ALA A 119 -31.86 -7.19 -3.47
N ARG A 120 -31.82 -6.27 -2.51
CA ARG A 120 -32.80 -6.26 -1.42
C ARG A 120 -34.13 -5.70 -1.91
N CYS A 126 -30.55 -4.27 6.11
CA CYS A 126 -29.37 -4.03 5.29
C CYS A 126 -28.40 -5.21 5.38
N PRO A 127 -28.19 -5.92 4.26
CA PRO A 127 -27.31 -7.09 4.25
C PRO A 127 -25.86 -6.77 4.61
N LEU A 128 -25.39 -5.58 4.26
CA LEU A 128 -24.02 -5.18 4.55
C LEU A 128 -23.80 -5.20 6.05
N ILE A 129 -24.64 -4.47 6.78
CA ILE A 129 -24.59 -4.44 8.23
C ILE A 129 -24.82 -5.83 8.80
N ALA A 130 -25.84 -6.52 8.29
CA ALA A 130 -26.12 -7.88 8.73
C ALA A 130 -24.86 -8.74 8.67
N SER A 131 -24.21 -8.75 7.50
CA SER A 131 -22.96 -9.50 7.32
C SER A 131 -21.83 -9.02 8.24
N LEU A 132 -21.79 -7.73 8.54
CA LEU A 132 -20.79 -7.19 9.47
C LEU A 132 -21.05 -7.58 10.93
N GLN A 133 -22.26 -8.06 11.21
CA GLN A 133 -22.64 -8.49 12.55
C GLN A 133 -22.76 -10.02 12.63
N ASN B 7 -19.94 -7.88 33.49
CA ASN B 7 -20.32 -9.18 32.85
C ASN B 7 -19.10 -9.99 32.39
N LEU B 8 -18.26 -9.42 31.54
CA LEU B 8 -17.04 -10.07 31.04
C LEU B 8 -15.81 -9.21 31.32
N THR B 9 -14.67 -9.86 31.56
CA THR B 9 -13.42 -9.15 31.82
C THR B 9 -12.71 -8.89 30.51
N ILE B 10 -11.76 -7.96 30.56
CA ILE B 10 -11.00 -7.53 29.40
C ILE B 10 -10.48 -8.69 28.55
N GLY B 11 -9.97 -9.72 29.23
CA GLY B 11 -9.43 -10.89 28.55
C GLY B 11 -10.47 -11.79 27.91
N VAL B 12 -11.62 -11.95 28.57
CA VAL B 12 -12.69 -12.80 28.06
C VAL B 12 -13.42 -12.10 26.92
N PHE B 13 -13.61 -10.80 27.09
CA PHE B 13 -14.13 -9.92 26.03
C PHE B 13 -13.38 -10.19 24.72
N ALA B 14 -12.06 -10.07 24.79
CA ALA B 14 -11.20 -10.26 23.63
C ALA B 14 -11.39 -11.67 23.04
N LYS B 15 -11.44 -12.68 23.92
CA LYS B 15 -11.65 -14.07 23.48
C LYS B 15 -12.98 -14.20 22.75
N ALA B 16 -14.04 -13.69 23.37
CA ALA B 16 -15.36 -13.69 22.78
C ALA B 16 -15.39 -12.96 21.45
N ALA B 17 -14.61 -11.88 21.35
CA ALA B 17 -14.55 -11.05 20.14
C ALA B 17 -13.50 -11.54 19.13
N GLY B 18 -12.72 -12.55 19.50
CA GLY B 18 -11.71 -13.11 18.62
C GLY B 18 -10.66 -12.09 18.20
N VAL B 19 -10.17 -11.30 19.14
CA VAL B 19 -9.18 -10.26 18.83
C VAL B 19 -8.21 -10.07 20.01
N ASN B 20 -7.04 -9.51 19.74
CA ASN B 20 -6.06 -9.16 20.79
C ASN B 20 -6.58 -8.16 21.80
N VAL B 21 -6.03 -8.20 23.01
CA VAL B 21 -6.32 -7.18 24.01
C VAL B 21 -5.81 -5.82 23.52
N GLU B 22 -4.63 -5.81 22.90
CA GLU B 22 -4.06 -4.59 22.32
C GLU B 22 -5.02 -3.95 21.33
N THR B 23 -5.80 -4.76 20.64
CA THR B 23 -6.79 -4.27 19.67
C THR B 23 -8.04 -3.66 20.33
N ILE B 24 -8.46 -4.24 21.46
CA ILE B 24 -9.57 -3.66 22.22
C ILE B 24 -9.15 -2.27 22.68
N ARG B 25 -7.94 -2.18 23.23
CA ARG B 25 -7.43 -0.92 23.76
C ARG B 25 -7.29 0.08 22.64
N PHE B 26 -6.72 -0.38 21.53
CA PHE B 26 -6.63 0.43 20.33
C PHE B 26 -7.99 1.00 19.96
N TYR B 27 -9.01 0.14 19.93
CA TYR B 27 -10.35 0.57 19.54
C TYR B 27 -10.97 1.56 20.53
N GLN B 28 -10.62 1.43 21.80
CA GLN B 28 -11.14 2.33 22.84
C GLN B 28 -10.54 3.72 22.73
N ARG B 29 -9.23 3.78 22.56
CA ARG B 29 -8.53 5.06 22.36
C ARG B 29 -9.01 5.83 21.14
N LYS B 30 -9.38 5.12 20.07
CA LYS B 30 -9.94 5.76 18.88
C LYS B 30 -11.45 5.98 18.99
N GLY B 31 -12.04 5.47 20.08
CA GLY B 31 -13.42 5.78 20.44
C GLY B 31 -14.47 5.09 19.60
N LEU B 32 -14.14 3.93 19.06
CA LEU B 32 -15.11 3.16 18.26
C LEU B 32 -15.85 2.15 19.15
N LEU B 33 -15.91 2.41 20.45
CA LEU B 33 -16.51 1.47 21.39
C LEU B 33 -17.71 2.11 22.12
N LEU B 34 -18.13 1.48 23.23
CA LEU B 34 -19.39 1.85 23.87
C LEU B 34 -19.17 2.47 25.25
N ARG B 44 -14.68 -1.90 35.17
CA ARG B 44 -14.94 -1.59 33.77
C ARG B 44 -15.34 -2.85 32.97
N ARG B 45 -16.61 -3.21 33.07
CA ARG B 45 -17.13 -4.44 32.44
C ARG B 45 -17.40 -4.31 30.95
N TYR B 46 -17.71 -5.43 30.28
CA TYR B 46 -18.14 -5.45 28.88
C TYR B 46 -19.16 -6.58 28.63
N GLY B 47 -20.06 -6.40 27.66
CA GLY B 47 -21.11 -7.37 27.35
C GLY B 47 -21.21 -7.73 25.88
N GLU B 48 -22.34 -8.28 25.47
CA GLU B 48 -22.53 -8.77 24.10
C GLU B 48 -22.62 -7.67 23.02
N ALA B 49 -23.20 -6.52 23.34
CA ALA B 49 -23.22 -5.40 22.41
C ALA B 49 -21.80 -4.98 22.09
N ASP B 50 -20.96 -4.91 23.12
CA ASP B 50 -19.55 -4.59 22.95
C ASP B 50 -18.86 -5.61 22.07
N VAL B 51 -19.18 -6.88 22.24
CA VAL B 51 -18.61 -7.93 21.42
C VAL B 51 -19.02 -7.70 19.98
N THR B 52 -20.31 -7.54 19.77
CA THR B 52 -20.85 -7.34 18.43
C THR B 52 -20.22 -6.10 17.79
N ARG B 53 -20.07 -5.04 18.57
CA ARG B 53 -19.46 -3.80 18.08
C ARG B 53 -18.00 -4.01 17.64
N VAL B 54 -17.24 -4.81 18.39
CA VAL B 54 -15.85 -5.08 18.04
C VAL B 54 -15.75 -5.91 16.75
N ARG B 55 -16.62 -6.91 16.62
CA ARG B 55 -16.67 -7.71 15.39
C ARG B 55 -17.07 -6.85 14.21
N PHE B 56 -17.92 -5.87 14.46
CA PHE B 56 -18.28 -4.90 13.44
C PHE B 56 -17.03 -4.19 12.96
N VAL B 57 -16.28 -3.62 13.88
CA VAL B 57 -15.07 -2.88 13.51
C VAL B 57 -14.04 -3.78 12.84
N LYS B 58 -13.73 -4.91 13.46
CA LYS B 58 -12.71 -5.80 12.94
C LYS B 58 -13.05 -6.21 11.53
N SER B 59 -14.31 -6.56 11.29
CA SER B 59 -14.74 -7.00 9.96
C SER B 59 -14.51 -5.91 8.95
N ALA B 60 -15.04 -4.73 9.26
CA ALA B 60 -14.92 -3.57 8.39
C ALA B 60 -13.46 -3.23 8.10
N GLN B 61 -12.65 -3.26 9.16
CA GLN B 61 -11.22 -3.00 9.07
C GLN B 61 -10.56 -4.00 8.10
N ARG B 62 -11.04 -5.24 8.15
CA ARG B 62 -10.54 -6.32 7.32
C ARG B 62 -11.00 -6.17 5.86
N LEU B 63 -12.12 -5.48 5.63
CA LEU B 63 -12.54 -5.12 4.27
C LEU B 63 -11.85 -3.85 3.77
N GLY B 64 -11.01 -3.24 4.58
CA GLY B 64 -10.17 -2.12 4.14
C GLY B 64 -10.69 -0.74 4.51
N PHE B 65 -11.82 -0.68 5.22
CA PHE B 65 -12.36 0.60 5.67
C PHE B 65 -11.41 1.28 6.65
N SER B 66 -11.17 2.57 6.44
CA SER B 66 -10.37 3.39 7.36
C SER B 66 -11.12 3.57 8.66
N LEU B 67 -10.42 4.07 9.67
CA LEU B 67 -11.03 4.29 10.97
C LEU B 67 -12.19 5.28 10.85
N ASP B 68 -12.00 6.33 10.06
CA ASP B 68 -13.06 7.31 9.80
C ASP B 68 -14.25 6.65 9.12
N GLU B 69 -13.99 5.99 8.00
CA GLU B 69 -15.03 5.30 7.24
C GLU B 69 -15.84 4.35 8.13
N ILE B 70 -15.18 3.71 9.09
CA ILE B 70 -15.86 2.81 10.03
C ILE B 70 -16.78 3.58 10.99
N ALA B 71 -16.37 4.76 11.41
CA ALA B 71 -17.22 5.60 12.26
C ALA B 71 -18.52 5.96 11.52
N GLU B 72 -18.40 6.42 10.27
CA GLU B 72 -19.56 6.66 9.39
C GLU B 72 -20.43 5.41 9.23
N LEU B 73 -19.78 4.28 9.04
CA LEU B 73 -20.47 3.03 8.84
C LEU B 73 -21.24 2.65 10.11
N LEU B 74 -20.65 2.92 11.27
CA LEU B 74 -21.30 2.69 12.58
C LEU B 74 -22.51 3.61 12.82
N ARG B 75 -22.50 4.78 12.19
CA ARG B 75 -23.65 5.69 12.21
C ARG B 75 -24.89 4.95 11.69
N LEU B 76 -24.67 4.00 10.79
CA LEU B 76 -25.75 3.25 10.14
C LEU B 76 -25.94 1.87 10.77
N GLU B 77 -25.49 1.68 12.02
CA GLU B 77 -25.48 0.37 12.69
C GLU B 77 -26.86 -0.28 12.90
N ASP B 78 -27.93 0.52 12.94
CA ASP B 78 -29.29 -0.04 13.13
C ASP B 78 -29.90 -0.70 11.88
N GLY B 79 -29.21 -0.60 10.75
CA GLY B 79 -29.55 -1.41 9.56
C GLY B 79 -30.79 -1.00 8.81
N THR B 80 -31.04 0.30 8.76
CA THR B 80 -32.22 0.83 8.07
C THR B 80 -31.82 1.94 7.10
N HIS B 81 -30.55 1.92 6.66
CA HIS B 81 -30.03 2.92 5.72
C HIS B 81 -29.20 2.23 4.63
N CYS B 82 -29.84 1.35 3.88
CA CYS B 82 -29.17 0.54 2.85
C CYS B 82 -28.51 1.38 1.75
N GLU B 83 -29.21 2.41 1.27
CA GLU B 83 -28.66 3.26 0.21
C GLU B 83 -27.30 3.80 0.65
N GLU B 84 -27.27 4.39 1.86
CA GLU B 84 -26.04 4.98 2.41
C GLU B 84 -24.95 3.96 2.69
N ALA B 85 -25.33 2.73 3.03
CA ALA B 85 -24.35 1.69 3.34
C ALA B 85 -23.63 1.25 2.08
N SER B 86 -24.40 0.87 1.08
CA SER B 86 -23.86 0.48 -0.23
C SER B 86 -22.85 1.50 -0.72
N SER B 87 -23.20 2.78 -0.59
CA SER B 87 -22.34 3.85 -1.07
C SER B 87 -20.93 3.77 -0.51
N LEU B 88 -20.84 3.58 0.80
CA LEU B 88 -19.53 3.46 1.45
C LEU B 88 -18.78 2.25 0.92
N ALA B 89 -19.49 1.14 0.75
CA ALA B 89 -18.90 -0.06 0.19
C ALA B 89 -18.48 0.15 -1.26
N GLU B 90 -19.35 0.75 -2.06
CA GLU B 90 -19.04 0.96 -3.49
C GLU B 90 -17.85 1.88 -3.65
N HIS B 91 -17.76 2.90 -2.81
CA HIS B 91 -16.63 3.82 -2.84
C HIS B 91 -15.36 3.06 -2.46
N LYS B 92 -15.41 2.31 -1.36
CA LYS B 92 -14.29 1.47 -0.96
C LYS B 92 -13.84 0.47 -2.05
N LEU B 93 -14.82 -0.07 -2.76
CA LEU B 93 -14.55 -1.06 -3.80
C LEU B 93 -13.80 -0.42 -4.96
N LYS B 94 -14.22 0.79 -5.30
CA LYS B 94 -13.54 1.58 -6.32
C LYS B 94 -12.08 1.76 -5.92
N ASP B 95 -11.86 2.16 -4.67
CA ASP B 95 -10.50 2.41 -4.15
C ASP B 95 -9.64 1.15 -4.14
N VAL B 96 -10.25 0.02 -3.76
CA VAL B 96 -9.55 -1.26 -3.77
C VAL B 96 -9.06 -1.56 -5.19
N ARG B 97 -9.95 -1.39 -6.16
CA ARG B 97 -9.62 -1.71 -7.55
C ARG B 97 -8.52 -0.82 -8.13
N GLU B 98 -8.54 0.47 -7.79
CA GLU B 98 -7.48 1.37 -8.18
C GLU B 98 -6.16 0.86 -7.64
N LYS B 99 -6.12 0.63 -6.33
CA LYS B 99 -4.92 0.12 -5.70
C LYS B 99 -4.40 -1.15 -6.37
N MET B 100 -5.32 -2.08 -6.69
CA MET B 100 -4.93 -3.31 -7.36
C MET B 100 -4.36 -3.04 -8.74
N ALA B 101 -4.95 -2.07 -9.43
CA ALA B 101 -4.50 -1.69 -10.75
C ALA B 101 -3.10 -1.07 -10.67
N ASP B 102 -2.82 -0.29 -9.63
CA ASP B 102 -1.48 0.24 -9.43
C ASP B 102 -0.49 -0.86 -9.12
N LEU B 103 -0.76 -1.64 -8.08
CA LEU B 103 0.10 -2.79 -7.77
C LEU B 103 0.34 -3.72 -8.98
N ALA B 104 -0.68 -3.90 -9.81
CA ALA B 104 -0.57 -4.75 -11.00
C ALA B 104 0.46 -4.17 -11.96
N ARG B 105 0.48 -2.85 -12.05
CA ARG B 105 1.42 -2.12 -12.93
C ARG B 105 2.85 -2.39 -12.46
N MET B 106 3.04 -2.29 -11.15
CA MET B 106 4.34 -2.60 -10.56
C MET B 106 4.73 -4.07 -10.81
N GLU B 107 3.78 -4.98 -10.57
CA GLU B 107 4.04 -6.40 -10.68
C GLU B 107 4.48 -6.79 -12.08
N ALA B 108 3.84 -6.18 -13.07
CA ALA B 108 4.14 -6.49 -14.47
C ALA B 108 5.58 -6.12 -14.82
N VAL B 109 5.99 -4.90 -14.47
CA VAL B 109 7.33 -4.38 -14.81
C VAL B 109 8.42 -5.06 -13.99
N LEU B 110 8.18 -5.18 -12.68
CA LEU B 110 9.08 -5.92 -11.82
C LEU B 110 9.29 -7.35 -12.32
N SER B 111 8.21 -8.08 -12.65
CA SER B 111 8.34 -9.45 -13.19
C SER B 111 9.23 -9.44 -14.41
N GLU B 112 9.02 -8.45 -15.26
CA GLU B 112 9.75 -8.32 -16.50
C GLU B 112 11.24 -8.08 -16.22
N LEU B 113 11.53 -7.24 -15.24
CA LEU B 113 12.92 -6.93 -14.89
C LEU B 113 13.62 -8.17 -14.36
N VAL B 114 12.97 -8.86 -13.43
CA VAL B 114 13.55 -10.09 -12.84
C VAL B 114 13.83 -11.13 -13.93
N CYS B 115 12.84 -11.42 -14.76
CA CYS B 115 13.01 -12.30 -15.90
C CYS B 115 14.31 -11.95 -16.65
N ALA B 116 14.52 -10.67 -16.93
CA ALA B 116 15.73 -10.23 -17.64
C ALA B 116 16.99 -10.30 -16.78
N CYS B 117 16.83 -10.12 -15.47
CA CYS B 117 17.97 -10.29 -14.55
C CYS B 117 18.53 -11.71 -14.65
N HIS B 118 17.65 -12.70 -14.44
CA HIS B 118 18.05 -14.12 -14.46
C HIS B 118 18.62 -14.52 -15.82
N ALA B 119 18.13 -13.88 -16.87
CA ALA B 119 18.50 -14.23 -18.23
C ALA B 119 19.75 -13.51 -18.73
N ARG B 120 20.39 -12.68 -17.90
CA ARG B 120 21.45 -11.86 -18.46
C ARG B 120 22.64 -12.70 -18.91
N ARG B 121 23.24 -12.26 -20.01
CA ARG B 121 24.15 -13.05 -20.80
C ARG B 121 25.61 -12.60 -20.56
N GLY B 122 26.43 -13.51 -20.04
CA GLY B 122 27.87 -13.30 -19.94
C GLY B 122 28.32 -12.24 -18.94
N ASN B 123 28.80 -11.11 -19.46
CA ASN B 123 29.30 -10.01 -18.63
C ASN B 123 28.57 -8.68 -18.90
N VAL B 124 27.42 -8.75 -19.57
CA VAL B 124 26.58 -7.59 -19.80
C VAL B 124 26.16 -6.99 -18.45
N SER B 125 25.97 -5.68 -18.43
CA SER B 125 25.64 -4.99 -17.19
C SER B 125 24.21 -5.22 -16.69
N CYS B 126 24.04 -5.19 -15.37
CA CYS B 126 22.75 -5.51 -14.72
C CYS B 126 21.57 -4.80 -15.39
N PRO B 127 20.65 -5.57 -15.99
CA PRO B 127 19.46 -5.01 -16.66
C PRO B 127 18.56 -4.17 -15.74
N LEU B 128 18.46 -4.55 -14.47
CA LEU B 128 17.60 -3.83 -13.54
C LEU B 128 18.08 -2.39 -13.43
N ILE B 129 19.34 -2.23 -13.10
CA ILE B 129 19.96 -0.93 -13.00
C ILE B 129 19.89 -0.22 -14.34
N ALA B 130 20.25 -0.93 -15.40
CA ALA B 130 20.21 -0.35 -16.74
C ALA B 130 18.84 0.27 -17.01
N SER B 131 17.78 -0.51 -16.78
CA SER B 131 16.40 -0.05 -16.96
C SER B 131 16.05 1.13 -16.03
N LEU B 132 16.61 1.14 -14.82
CA LEU B 132 16.36 2.21 -13.88
C LEU B 132 17.08 3.50 -14.26
N GLN B 133 18.02 3.43 -15.18
CA GLN B 133 18.77 4.60 -15.62
C GLN B 133 18.32 5.12 -16.97
N GLY B 134 17.62 4.29 -17.75
CA GLY B 134 17.25 4.64 -19.12
C GLY B 134 15.96 5.43 -19.21
HG HG C . -27.26 -2.49 2.22
HG HG D . 20.17 -7.73 -12.61
#